data_7PZ2
#
_entry.id   7PZ2
#
_cell.length_a   31.820
_cell.length_b   53.500
_cell.length_c   51.930
_cell.angle_alpha   90.000
_cell.angle_beta   95.464
_cell.angle_gamma   90.000
#
_symmetry.space_group_name_H-M   'P 1 21 1'
#
loop_
_entity.id
_entity.type
_entity.pdbx_description
1 polymer HN1_G0037740.mRNA.1.CDS.1
2 non-polymer 'CHLORIDE ION'
3 non-polymer 'SULFATE ION'
4 water water
#
_entity_poly.entity_id   1
_entity_poly.type   'polypeptide(L)'
_entity_poly.pdbx_seq_one_letter_code
;MGSSHHHHHHSSGLVPRGSHMYEYVNCFSSLPSDFSKADSYNWQSSSHCNSECSAKGASYFALYNHSECYCGDTNPSGSE
STSSSCNTYCFGYSSEMCGGEDAYSVYQLDSDTNSNSI
;
_entity_poly.pdbx_strand_id   A,B
#
# COMPACT_ATOMS: atom_id res chain seq x y z
N LEU A 14 -4.48 -11.26 3.50
CA LEU A 14 -3.69 -12.09 2.58
C LEU A 14 -2.24 -12.16 3.06
N VAL A 15 -1.61 -11.00 3.20
CA VAL A 15 -0.33 -10.85 3.89
C VAL A 15 -0.52 -9.71 4.88
N PRO A 16 0.26 -9.67 5.96
CA PRO A 16 -0.04 -8.66 6.99
C PRO A 16 0.31 -7.23 6.58
N ARG A 17 1.26 -7.03 5.67
CA ARG A 17 1.66 -5.71 5.25
C ARG A 17 1.78 -5.69 3.74
N GLY A 18 1.19 -4.67 3.11
CA GLY A 18 1.19 -4.58 1.66
C GLY A 18 0.02 -5.23 0.98
N SER A 19 -0.96 -5.71 1.72
CA SER A 19 -2.10 -6.38 1.09
C SER A 19 -3.08 -5.40 0.46
N HIS A 20 -2.99 -4.12 0.78
CA HIS A 20 -3.94 -3.15 0.25
C HIS A 20 -3.34 -2.40 -0.93
N MET A 21 -4.10 -2.32 -2.01
CA MET A 21 -3.65 -1.74 -3.27
C MET A 21 -3.87 -0.23 -3.28
N TYR A 22 -3.49 0.38 -2.16
CA TYR A 22 -3.58 1.83 -2.02
C TYR A 22 -2.60 2.26 -0.94
N GLU A 23 -2.26 3.55 -0.98
CA GLU A 23 -1.27 4.14 -0.09
C GLU A 23 -1.81 5.46 0.46
N TYR A 24 -1.71 5.62 1.77
CA TYR A 24 -2.07 6.89 2.38
C TYR A 24 -1.15 8.01 1.89
N VAL A 25 -1.74 9.16 1.56
CA VAL A 25 -0.98 10.34 1.19
C VAL A 25 -0.85 11.25 2.40
N ASN A 26 -1.96 11.82 2.84
CA ASN A 26 -1.95 12.75 3.97
C ASN A 26 -3.38 13.16 4.31
N CYS A 27 -3.49 13.99 5.35
CA CYS A 27 -4.74 14.62 5.74
C CYS A 27 -4.73 16.04 5.21
N PHE A 28 -5.81 16.43 4.54
CA PHE A 28 -5.88 17.71 3.85
C PHE A 28 -7.08 18.52 4.32
N SER A 29 -6.92 19.85 4.23
CA SER A 29 -7.96 20.76 4.68
CA SER A 29 -7.96 20.76 4.68
C SER A 29 -9.13 20.80 3.70
N SER A 30 -8.88 20.50 2.43
CA SER A 30 -9.89 20.63 1.39
C SER A 30 -9.43 19.73 0.25
N LEU A 31 -10.31 19.59 -0.74
CA LEU A 31 -10.03 18.78 -1.92
C LEU A 31 -10.02 19.64 -3.19
N PRO A 32 -9.19 19.28 -4.16
CA PRO A 32 -9.25 19.91 -5.49
C PRO A 32 -10.61 19.74 -6.12
N SER A 33 -10.91 20.61 -7.09
CA SER A 33 -12.26 20.62 -7.66
C SER A 33 -12.59 19.34 -8.41
N ASP A 34 -11.61 18.54 -8.81
CA ASP A 34 -11.89 17.31 -9.54
C ASP A 34 -12.37 16.16 -8.67
N PHE A 35 -12.36 16.30 -7.36
CA PHE A 35 -12.92 15.27 -6.49
C PHE A 35 -14.45 15.38 -6.46
N SER A 36 -15.11 14.22 -6.48
CA SER A 36 -16.56 14.13 -6.47
C SER A 36 -16.96 13.04 -5.48
N LYS A 37 -18.09 13.26 -4.82
CA LYS A 37 -18.57 12.28 -3.85
C LYS A 37 -18.96 10.98 -4.56
N ALA A 38 -18.43 9.87 -4.07
CA ALA A 38 -18.79 8.56 -4.60
C ALA A 38 -19.93 7.95 -3.82
N ASP A 39 -19.87 7.99 -2.49
CA ASP A 39 -21.01 7.54 -1.71
C ASP A 39 -20.91 8.01 -0.27
N SER A 40 -22.05 7.86 0.41
CA SER A 40 -22.17 7.97 1.85
CA SER A 40 -22.17 7.97 1.85
C SER A 40 -22.58 6.58 2.33
N TYR A 41 -21.95 6.10 3.39
CA TYR A 41 -22.16 4.70 3.73
C TYR A 41 -22.03 4.48 5.22
N ASN A 42 -22.99 3.74 5.77
CA ASN A 42 -22.96 3.41 7.20
C ASN A 42 -21.73 2.60 7.59
N TRP A 43 -21.06 1.96 6.64
CA TRP A 43 -19.86 1.17 6.92
C TRP A 43 -18.67 1.68 6.11
N GLN A 44 -18.59 3.00 5.97
CA GLN A 44 -17.50 3.63 5.23
C GLN A 44 -16.15 3.21 5.80
N SER A 45 -15.18 3.04 4.91
CA SER A 45 -13.83 2.64 5.31
C SER A 45 -12.91 2.89 4.13
N SER A 46 -11.60 2.81 4.40
CA SER A 46 -10.66 3.02 3.30
C SER A 46 -10.81 1.92 2.25
N SER A 47 -11.01 0.67 2.68
CA SER A 47 -11.12 -0.40 1.70
C SER A 47 -12.42 -0.29 0.91
N HIS A 48 -13.50 0.16 1.55
CA HIS A 48 -14.75 0.36 0.81
C HIS A 48 -14.58 1.46 -0.22
N CYS A 49 -13.99 2.58 0.19
CA CYS A 49 -13.82 3.72 -0.71
C CYS A 49 -12.85 3.38 -1.84
N ASN A 50 -11.79 2.61 -1.54
CA ASN A 50 -10.91 2.14 -2.59
C ASN A 50 -11.68 1.38 -3.66
N SER A 51 -12.59 0.49 -3.27
CA SER A 51 -13.32 -0.29 -4.25
C SER A 51 -14.25 0.60 -5.07
N GLU A 52 -14.90 1.55 -4.39
CA GLU A 52 -15.76 2.51 -5.08
C GLU A 52 -14.99 3.28 -6.13
N CYS A 53 -13.81 3.78 -5.76
CA CYS A 53 -13.08 4.65 -6.65
C CYS A 53 -12.30 3.88 -7.70
N SER A 54 -11.86 2.67 -7.37
CA SER A 54 -11.23 1.82 -8.37
C SER A 54 -12.20 1.52 -9.50
N ALA A 55 -13.47 1.27 -9.18
CA ALA A 55 -14.46 1.01 -10.21
C ALA A 55 -14.66 2.23 -11.11
N LYS A 56 -14.38 3.43 -10.63
CA LYS A 56 -14.50 4.61 -11.46
C LYS A 56 -13.21 4.97 -12.20
N GLY A 57 -12.15 4.21 -11.98
CA GLY A 57 -10.88 4.50 -12.63
C GLY A 57 -10.15 5.68 -12.04
N ALA A 58 -10.45 6.05 -10.80
CA ALA A 58 -9.86 7.22 -10.16
C ALA A 58 -8.44 6.91 -9.69
N SER A 59 -7.66 7.97 -9.51
CA SER A 59 -6.28 7.85 -9.04
CA SER A 59 -6.29 7.80 -9.03
C SER A 59 -6.13 8.12 -7.55
N TYR A 60 -7.08 8.84 -6.94
CA TYR A 60 -7.06 9.16 -5.52
C TYR A 60 -8.44 8.93 -4.95
N PHE A 61 -8.51 8.69 -3.64
CA PHE A 61 -9.77 8.72 -2.92
C PHE A 61 -9.56 9.46 -1.60
N ALA A 62 -10.67 9.92 -1.03
CA ALA A 62 -10.63 10.74 0.17
C ALA A 62 -11.81 10.36 1.06
N LEU A 63 -11.53 10.17 2.34
CA LEU A 63 -12.54 9.89 3.35
C LEU A 63 -12.88 11.17 4.11
N TYR A 64 -14.14 11.31 4.51
CA TYR A 64 -14.61 12.55 5.12
C TYR A 64 -15.73 12.29 6.12
N ASN A 65 -15.60 12.91 7.29
CA ASN A 65 -16.68 13.01 8.30
C ASN A 65 -17.41 11.67 8.50
N HIS A 66 -16.60 10.66 8.85
CA HIS A 66 -17.06 9.34 9.26
C HIS A 66 -17.56 8.44 8.13
N SER A 67 -18.32 9.01 7.18
CA SER A 67 -19.16 8.20 6.32
C SER A 67 -19.03 8.47 4.83
N GLU A 68 -18.26 9.46 4.41
CA GLU A 68 -18.27 9.89 3.02
C GLU A 68 -16.98 9.48 2.31
N CYS A 69 -17.14 9.13 1.03
CA CYS A 69 -16.05 8.71 0.15
C CYS A 69 -16.07 9.58 -1.09
N TYR A 70 -14.93 10.20 -1.39
CA TYR A 70 -14.73 11.00 -2.59
C TYR A 70 -13.68 10.34 -3.47
N CYS A 71 -13.84 10.50 -4.79
CA CYS A 71 -12.85 10.04 -5.75
C CYS A 71 -12.33 11.23 -6.55
N GLY A 72 -11.04 11.18 -6.92
CA GLY A 72 -10.46 12.25 -7.70
C GLY A 72 -9.29 11.77 -8.51
N ASP A 73 -8.78 12.68 -9.35
CA ASP A 73 -7.69 12.36 -10.26
C ASP A 73 -6.45 13.22 -10.10
N THR A 74 -6.42 14.16 -9.16
CA THR A 74 -5.23 14.96 -8.91
C THR A 74 -4.82 14.80 -7.45
N ASN A 75 -3.52 14.89 -7.22
CA ASN A 75 -2.97 14.78 -5.88
C ASN A 75 -3.21 16.08 -5.12
N PRO A 76 -3.95 16.06 -4.01
CA PRO A 76 -4.15 17.31 -3.26
C PRO A 76 -2.85 17.94 -2.76
N SER A 77 -1.76 17.18 -2.72
CA SER A 77 -0.49 17.75 -2.27
C SER A 77 -0.11 18.97 -3.10
N GLY A 78 -0.51 18.99 -4.36
CA GLY A 78 -0.13 20.08 -5.23
C GLY A 78 -0.93 21.34 -5.07
N SER A 79 -2.04 21.31 -4.32
CA SER A 79 -2.95 22.45 -4.33
C SER A 79 -3.68 22.77 -3.03
N GLU A 80 -3.63 21.86 -2.05
CA GLU A 80 -4.37 22.04 -0.80
C GLU A 80 -3.44 21.96 0.40
N SER A 81 -3.80 22.64 1.49
CA SER A 81 -2.97 22.59 2.68
C SER A 81 -3.26 21.32 3.46
N THR A 82 -2.24 20.84 4.17
CA THR A 82 -2.43 19.69 5.04
C THR A 82 -3.12 20.10 6.34
N SER A 83 -3.62 19.09 7.04
CA SER A 83 -4.37 19.27 8.26
C SER A 83 -3.95 18.19 9.26
N SER A 84 -4.11 18.52 10.54
CA SER A 84 -3.92 17.59 11.64
C SER A 84 -5.24 17.17 12.28
N SER A 85 -6.38 17.42 11.64
CA SER A 85 -7.68 17.20 12.24
C SER A 85 -8.51 16.19 11.48
N CYS A 86 -7.88 15.13 10.98
CA CYS A 86 -8.64 13.99 10.45
C CYS A 86 -8.96 13.09 11.64
N ASN A 87 -10.02 13.45 12.36
CA ASN A 87 -10.30 12.83 13.65
C ASN A 87 -11.72 12.28 13.77
N THR A 88 -12.39 11.96 12.67
CA THR A 88 -13.70 11.31 12.69
C THR A 88 -13.55 9.86 12.21
N TYR A 89 -13.73 8.91 13.14
CA TYR A 89 -13.46 7.51 12.82
C TYR A 89 -14.37 7.00 11.71
N CYS A 90 -13.84 6.07 10.92
CA CYS A 90 -14.63 5.39 9.89
C CYS A 90 -15.70 4.51 10.52
N PHE A 91 -16.96 4.72 10.12
CA PHE A 91 -18.04 3.91 10.68
C PHE A 91 -17.84 2.42 10.45
N GLY A 92 -17.17 2.04 9.35
CA GLY A 92 -16.98 0.65 9.04
C GLY A 92 -15.67 0.04 9.50
N TYR A 93 -14.78 0.83 10.10
CA TYR A 93 -13.47 0.35 10.53
C TYR A 93 -12.95 1.37 11.53
N SER A 94 -13.35 1.27 12.79
CA SER A 94 -13.28 2.43 13.68
C SER A 94 -11.86 2.79 14.09
N SER A 95 -10.90 1.89 13.92
CA SER A 95 -9.53 2.28 14.25
C SER A 95 -8.90 3.13 13.17
N GLU A 96 -9.56 3.34 12.04
CA GLU A 96 -9.02 4.21 10.99
C GLU A 96 -9.92 5.45 10.89
N MET A 97 -9.29 6.56 10.54
CA MET A 97 -9.99 7.83 10.49
C MET A 97 -10.54 8.08 9.10
N CYS A 98 -11.82 8.41 9.05
CA CYS A 98 -12.47 8.82 7.81
C CYS A 98 -12.50 10.34 7.76
N GLY A 99 -11.32 10.91 7.52
CA GLY A 99 -11.17 12.35 7.56
C GLY A 99 -11.54 12.91 8.92
N GLY A 100 -12.04 14.14 8.90
CA GLY A 100 -12.58 14.80 10.07
C GLY A 100 -13.84 15.55 9.67
N GLU A 101 -14.37 16.36 10.58
CA GLU A 101 -15.53 17.17 10.23
C GLU A 101 -15.20 18.20 9.16
N ASP A 102 -13.92 18.62 9.09
CA ASP A 102 -13.45 19.64 8.16
C ASP A 102 -12.08 19.26 7.64
N ALA A 103 -11.89 17.98 7.32
CA ALA A 103 -10.61 17.51 6.84
C ALA A 103 -10.84 16.20 6.10
N TYR A 104 -9.90 15.85 5.22
CA TYR A 104 -10.04 14.72 4.32
C TYR A 104 -8.81 13.82 4.41
N SER A 105 -9.05 12.52 4.60
CA SER A 105 -7.97 11.52 4.61
C SER A 105 -7.79 11.02 3.19
N VAL A 106 -6.66 11.33 2.57
CA VAL A 106 -6.47 11.14 1.14
C VAL A 106 -5.50 10.00 0.89
N TYR A 107 -5.87 9.12 -0.02
CA TYR A 107 -5.08 7.97 -0.40
C TYR A 107 -4.94 7.94 -1.92
N GLN A 108 -3.85 7.32 -2.37
N GLN A 108 -3.87 7.29 -2.36
CA GLN A 108 -3.61 7.09 -3.79
CA GLN A 108 -3.58 7.06 -3.77
C GLN A 108 -3.93 5.64 -4.10
C GLN A 108 -3.91 5.61 -4.10
N LEU A 109 -4.58 5.41 -5.23
CA LEU A 109 -4.89 4.07 -5.72
C LEU A 109 -3.74 3.58 -6.58
N ASP A 110 -3.44 2.28 -6.50
CA ASP A 110 -2.28 1.76 -7.22
C ASP A 110 -2.52 1.87 -8.73
N LEU B 14 0.89 4.59 11.26
CA LEU B 14 0.37 5.93 10.95
C LEU B 14 -1.15 5.88 10.76
N VAL B 15 -1.58 5.06 9.80
CA VAL B 15 -2.98 4.71 9.58
C VAL B 15 -2.98 3.18 9.55
N PRO B 16 -4.08 2.51 9.87
CA PRO B 16 -4.02 1.03 9.96
C PRO B 16 -3.94 0.33 8.62
N ARG B 17 -4.44 0.94 7.55
CA ARG B 17 -4.43 0.34 6.23
C ARG B 17 -3.92 1.37 5.24
N GLY B 18 -2.98 0.96 4.41
CA GLY B 18 -2.39 1.85 3.44
C GLY B 18 -1.18 2.60 3.92
N SER B 19 -0.67 2.29 5.11
CA SER B 19 0.50 2.99 5.62
C SER B 19 1.80 2.52 5.00
N HIS B 20 1.81 1.40 4.29
CA HIS B 20 3.02 0.86 3.69
C HIS B 20 3.07 1.21 2.21
N MET B 21 4.22 1.74 1.80
CA MET B 21 4.42 2.26 0.44
C MET B 21 4.86 1.15 -0.50
N TYR B 22 4.17 0.02 -0.38
CA TYR B 22 4.43 -1.14 -1.24
C TYR B 22 3.19 -2.00 -1.26
N GLU B 23 3.11 -2.85 -2.28
CA GLU B 23 1.95 -3.69 -2.55
C GLU B 23 2.43 -5.10 -2.87
N TYR B 24 1.84 -6.08 -2.19
CA TYR B 24 2.13 -7.47 -2.49
C TYR B 24 1.70 -7.82 -3.90
N VAL B 25 2.57 -8.51 -4.63
CA VAL B 25 2.24 -9.02 -5.96
C VAL B 25 1.79 -10.46 -5.84
N ASN B 26 2.70 -11.36 -5.47
CA ASN B 26 2.39 -12.78 -5.39
C ASN B 26 3.60 -13.53 -4.88
N CYS B 27 3.44 -14.86 -4.75
CA CYS B 27 4.52 -15.77 -4.42
C CYS B 27 4.96 -16.45 -5.72
N PHE B 28 6.27 -16.45 -5.98
CA PHE B 28 6.80 -16.92 -7.24
C PHE B 28 7.84 -18.01 -7.03
N SER B 29 7.95 -18.89 -8.04
CA SER B 29 8.88 -20.01 -7.97
C SER B 29 10.33 -19.57 -8.17
N SER B 30 10.53 -18.47 -8.87
CA SER B 30 11.85 -17.98 -9.23
C SER B 30 11.73 -16.49 -9.52
N LEU B 31 12.87 -15.85 -9.70
CA LEU B 31 12.94 -14.44 -9.98
C LEU B 31 13.53 -14.20 -11.35
N PRO B 32 13.12 -13.12 -12.02
CA PRO B 32 13.81 -12.72 -13.26
C PRO B 32 15.28 -12.46 -13.01
N SER B 33 16.07 -12.54 -14.09
CA SER B 33 17.51 -12.50 -13.96
C SER B 33 18.02 -11.17 -13.44
N ASP B 34 17.25 -10.10 -13.59
CA ASP B 34 17.77 -8.81 -13.18
C ASP B 34 17.69 -8.60 -11.67
N PHE B 35 17.02 -9.48 -10.93
CA PHE B 35 16.98 -9.33 -9.48
C PHE B 35 18.32 -9.69 -8.87
N SER B 36 18.73 -8.94 -7.86
CA SER B 36 19.99 -9.17 -7.17
C SER B 36 19.77 -9.07 -5.67
N LYS B 37 20.55 -9.84 -4.93
CA LYS B 37 20.44 -9.84 -3.48
C LYS B 37 20.87 -8.50 -2.91
N ALA B 38 20.02 -7.90 -2.09
CA ALA B 38 20.36 -6.66 -1.40
C ALA B 38 20.95 -6.93 -0.03
N ASP B 39 20.36 -7.82 0.75
CA ASP B 39 21.00 -8.19 2.01
C ASP B 39 20.43 -9.50 2.55
N SER B 40 21.15 -10.03 3.52
CA SER B 40 20.71 -11.12 4.38
C SER B 40 20.69 -10.54 5.78
N TYR B 41 19.60 -10.74 6.52
CA TYR B 41 19.42 -10.00 7.76
C TYR B 41 18.67 -10.85 8.79
N ASN B 42 19.19 -10.85 10.01
CA ASN B 42 18.55 -11.60 11.10
C ASN B 42 17.16 -11.09 11.42
N TRP B 43 16.80 -9.87 11.01
CA TRP B 43 15.49 -9.31 11.25
C TRP B 43 14.82 -8.93 9.93
N GLN B 44 15.02 -9.78 8.92
CA GLN B 44 14.45 -9.54 7.60
C GLN B 44 12.93 -9.41 7.70
N SER B 45 12.37 -8.55 6.87
CA SER B 45 10.93 -8.33 6.84
C SER B 45 10.59 -7.53 5.60
N SER B 46 9.29 -7.42 5.32
CA SER B 46 8.89 -6.68 4.12
C SER B 46 9.26 -5.20 4.26
N SER B 47 9.06 -4.61 5.44
CA SER B 47 9.39 -3.18 5.58
C SER B 47 10.89 -2.95 5.50
N HIS B 48 11.68 -3.89 6.04
CA HIS B 48 13.13 -3.75 5.92
C HIS B 48 13.58 -3.83 4.47
N CYS B 49 13.08 -4.84 3.75
CA CYS B 49 13.46 -5.01 2.36
C CYS B 49 12.95 -3.85 1.50
N ASN B 50 11.76 -3.35 1.80
CA ASN B 50 11.28 -2.16 1.12
C ASN B 50 12.28 -1.02 1.26
N SER B 51 12.81 -0.81 2.47
CA SER B 51 13.74 0.30 2.67
C SER B 51 15.05 0.05 1.93
N GLU B 52 15.54 -1.19 1.95
CA GLU B 52 16.75 -1.54 1.23
C GLU B 52 16.60 -1.25 -0.26
N CYS B 53 15.48 -1.68 -0.84
CA CYS B 53 15.33 -1.58 -2.29
C CYS B 53 14.91 -0.18 -2.72
N SER B 54 14.16 0.53 -1.88
CA SER B 54 13.85 1.92 -2.17
CA SER B 54 13.84 1.92 -2.16
C SER B 54 15.12 2.74 -2.29
N ALA B 55 16.11 2.47 -1.43
CA ALA B 55 17.36 3.21 -1.48
C ALA B 55 18.11 2.97 -2.79
N LYS B 56 17.86 1.82 -3.42
CA LYS B 56 18.46 1.49 -4.70
C LYS B 56 17.63 1.94 -5.90
N GLY B 57 16.44 2.48 -5.66
CA GLY B 57 15.61 2.93 -6.75
C GLY B 57 14.91 1.82 -7.50
N ALA B 58 14.77 0.65 -6.87
CA ALA B 58 14.17 -0.51 -7.51
C ALA B 58 12.65 -0.39 -7.54
N SER B 59 12.04 -1.13 -8.46
CA SER B 59 10.59 -1.16 -8.64
CA SER B 59 10.59 -1.11 -8.55
C SER B 59 9.93 -2.32 -7.91
N TYR B 60 10.66 -3.41 -7.66
CA TYR B 60 10.14 -4.58 -6.99
C TYR B 60 11.12 -5.06 -5.93
N PHE B 61 10.61 -5.75 -4.91
CA PHE B 61 11.49 -6.45 -3.98
C PHE B 61 10.92 -7.83 -3.70
N ALA B 62 11.78 -8.71 -3.21
CA ALA B 62 11.41 -10.10 -3.01
C ALA B 62 12.07 -10.65 -1.75
N LEU B 63 11.27 -11.33 -0.94
CA LEU B 63 11.72 -11.98 0.29
C LEU B 63 11.93 -13.47 0.03
N TYR B 64 12.95 -14.04 0.68
CA TYR B 64 13.34 -15.42 0.41
C TYR B 64 13.93 -16.08 1.65
N ASN B 65 13.49 -17.29 1.93
CA ASN B 65 14.08 -18.20 2.92
C ASN B 65 14.44 -17.50 4.23
N HIS B 66 13.43 -16.87 4.81
CA HIS B 66 13.44 -16.25 6.13
C HIS B 66 14.18 -14.92 6.23
N SER B 67 15.32 -14.81 5.55
CA SER B 67 16.31 -13.78 5.88
C SER B 67 16.81 -12.96 4.70
N GLU B 68 16.43 -13.28 3.47
CA GLU B 68 17.05 -12.69 2.29
C GLU B 68 16.11 -11.70 1.61
N CYS B 69 16.70 -10.62 1.10
CA CYS B 69 16.00 -9.55 0.40
C CYS B 69 16.64 -9.34 -0.96
N TYR B 70 15.82 -9.41 -2.02
CA TYR B 70 16.23 -9.14 -3.39
C TYR B 70 15.51 -7.90 -3.92
N CYS B 71 16.20 -7.16 -4.78
CA CYS B 71 15.61 -6.03 -5.50
C CYS B 71 15.67 -6.28 -7.00
N GLY B 72 14.64 -5.80 -7.71
CA GLY B 72 14.61 -5.92 -9.16
C GLY B 72 13.70 -4.87 -9.76
N ASP B 73 13.72 -4.81 -11.11
CA ASP B 73 12.98 -3.80 -11.83
C ASP B 73 11.96 -4.36 -12.80
N THR B 74 11.75 -5.67 -12.84
CA THR B 74 10.72 -6.25 -13.69
C THR B 74 9.74 -7.03 -12.83
N ASN B 75 8.49 -7.00 -13.22
CA ASN B 75 7.46 -7.73 -12.50
C ASN B 75 7.61 -9.21 -12.80
N PRO B 76 7.84 -10.07 -11.81
CA PRO B 76 7.96 -11.51 -12.11
C PRO B 76 6.73 -12.09 -12.77
N SER B 77 5.58 -11.40 -12.70
CA SER B 77 4.35 -11.92 -13.29
C SER B 77 4.51 -12.23 -14.78
N GLY B 78 5.37 -11.48 -15.47
CA GLY B 78 5.50 -11.69 -16.89
C GLY B 78 6.35 -12.88 -17.31
N SER B 79 7.07 -13.51 -16.38
CA SER B 79 8.07 -14.47 -16.81
C SER B 79 8.28 -15.66 -15.88
N GLU B 80 7.75 -15.60 -14.66
CA GLU B 80 7.99 -16.64 -13.68
C GLU B 80 6.66 -17.24 -13.23
N SER B 81 6.69 -18.51 -12.83
CA SER B 81 5.48 -19.15 -12.37
C SER B 81 5.19 -18.81 -10.92
N THR B 82 3.91 -18.77 -10.59
CA THR B 82 3.53 -18.54 -9.22
C THR B 82 3.67 -19.83 -8.41
N SER B 83 3.68 -19.66 -7.09
CA SER B 83 3.91 -20.74 -6.14
C SER B 83 2.99 -20.58 -4.95
N SER B 84 2.69 -21.70 -4.30
CA SER B 84 1.95 -21.74 -3.05
C SER B 84 2.84 -22.09 -1.86
N SER B 85 4.15 -21.99 -2.01
CA SER B 85 5.07 -22.47 -0.99
C SER B 85 5.96 -21.37 -0.43
N CYS B 86 5.40 -20.16 -0.26
CA CYS B 86 6.10 -19.12 0.49
C CYS B 86 5.78 -19.33 1.96
N ASN B 87 6.53 -20.23 2.59
CA ASN B 87 6.19 -20.70 3.92
C ASN B 87 7.33 -20.59 4.93
N THR B 88 8.33 -19.74 4.67
CA THR B 88 9.40 -19.49 5.64
C THR B 88 9.23 -18.11 6.24
N TYR B 89 8.87 -18.06 7.52
CA TYR B 89 8.51 -16.79 8.16
C TYR B 89 9.69 -15.82 8.18
N CYS B 90 9.37 -14.53 8.08
CA CYS B 90 10.34 -13.47 8.21
C CYS B 90 10.89 -13.43 9.63
N PHE B 91 12.21 -13.52 9.79
CA PHE B 91 12.79 -13.48 11.11
C PHE B 91 12.44 -12.19 11.85
N GLY B 92 12.24 -11.09 11.13
CA GLY B 92 11.96 -9.80 11.75
C GLY B 92 10.51 -9.43 11.91
N TYR B 93 9.58 -10.26 11.45
CA TYR B 93 8.15 -10.00 11.53
C TYR B 93 7.48 -11.34 11.27
N SER B 94 7.34 -12.18 12.31
CA SER B 94 7.15 -13.60 12.07
C SER B 94 5.77 -13.95 11.54
N SER B 95 4.80 -13.05 11.66
CA SER B 95 3.48 -13.32 11.09
C SER B 95 3.45 -13.12 9.58
N GLU B 96 4.57 -12.68 9.01
CA GLU B 96 4.76 -12.41 7.59
C GLU B 96 5.71 -13.46 7.01
N MET B 97 5.44 -13.89 5.78
CA MET B 97 6.27 -14.91 5.17
C MET B 97 7.36 -14.25 4.33
N CYS B 98 8.60 -14.66 4.56
CA CYS B 98 9.73 -14.21 3.76
C CYS B 98 10.03 -15.28 2.71
N GLY B 99 9.14 -15.34 1.72
CA GLY B 99 9.23 -16.38 0.72
C GLY B 99 9.15 -17.76 1.35
N GLY B 100 9.84 -18.70 0.71
CA GLY B 100 10.01 -20.05 1.19
C GLY B 100 11.43 -20.52 0.93
N GLU B 101 11.69 -21.81 1.17
CA GLU B 101 13.00 -22.36 0.85
C GLU B 101 13.26 -22.33 -0.64
N ASP B 102 12.20 -22.37 -1.44
CA ASP B 102 12.29 -22.39 -2.89
C ASP B 102 11.19 -21.54 -3.50
N ALA B 103 10.94 -20.38 -2.89
CA ALA B 103 9.89 -19.50 -3.37
C ALA B 103 10.18 -18.09 -2.87
N TYR B 104 9.61 -17.11 -3.56
CA TYR B 104 9.91 -15.71 -3.34
C TYR B 104 8.61 -14.94 -3.13
N SER B 105 8.54 -14.16 -2.05
CA SER B 105 7.40 -13.28 -1.78
C SER B 105 7.71 -11.92 -2.41
N VAL B 106 6.97 -11.56 -3.46
CA VAL B 106 7.32 -10.43 -4.31
C VAL B 106 6.36 -9.29 -4.07
N TYR B 107 6.91 -8.08 -3.90
CA TYR B 107 6.16 -6.87 -3.67
C TYR B 107 6.59 -5.80 -4.67
N GLN B 108 5.68 -4.90 -4.97
CA GLN B 108 5.96 -3.73 -5.80
C GLN B 108 6.13 -2.51 -4.91
N LEU B 109 7.15 -1.71 -5.18
CA LEU B 109 7.32 -0.47 -4.43
C LEU B 109 6.38 0.58 -5.00
N ASP B 110 5.76 1.36 -4.11
CA ASP B 110 4.69 2.30 -4.47
C ASP B 110 4.76 3.51 -3.54
N SER B 111 5.82 4.31 -3.69
CA SER B 111 5.98 5.49 -2.85
C SER B 111 4.77 6.42 -2.97
N ASP B 112 4.47 7.13 -1.88
CA ASP B 112 3.40 8.12 -1.88
C ASP B 112 3.93 9.55 -2.01
N THR B 113 5.18 9.71 -2.46
CA THR B 113 5.75 11.03 -2.72
C THR B 113 6.51 11.03 -4.06
#